data_4MCY
#
_entry.id   4MCY
#
_cell.length_a   67.035
_cell.length_b   177.821
_cell.length_c   76.728
_cell.angle_alpha   90.00
_cell.angle_beta   90.00
_cell.angle_gamma   90.00
#
_symmetry.space_group_name_H-M   'C 2 2 21'
#
loop_
_entity.id
_entity.type
_entity.pdbx_description
1 polymer 'HLA class II histocompatibility antigen, DR alpha chain'
2 polymer 'HLA class II histocompatibility antigen, DRB1-4 beta chain'
3 polymer 'Citrullinated Vimentin'
4 non-polymer 2-acetamido-2-deoxy-beta-D-glucopyranose
5 non-polymer 1,2-ETHANEDIOL
6 water water
#
loop_
_entity_poly.entity_id
_entity_poly.type
_entity_poly.pdbx_seq_one_letter_code
_entity_poly.pdbx_strand_id
1 'polypeptide(L)'
;IKEEHVIIQAEFYLNPDQSGEFMFDFDGDEIFHVDMAKKETVWRLEEFGRFASFEAQGALANIAVDKANLEIMTKRSNYT
PITNVPPEVTVLTNSPVELREPNVLICFIDKFTPPVVNVTWLRNGKPVTTGVSETVFLPREDHLFRKFHYLPFLPSTEDV
YDCRVEHWGLDEPLLKHWEFDTSGDDDDK
;
A
2 'polypeptide(L)'
;GSGDTRPRFLEQVKHECHFFNGTERVRFLDRYFYHQEEYVRFDSDVGEYRAVTELGRPDAEYWNSQKDLLEQKRAAVDTY
CRHNYGVGESFTVQRRVYPEVTVYPAKTQPLQHHNLLVCSVNGFYPGSIEVRWFRNGQEEKTGVVSTGLIQNGDWTFQTL
VMLETVPRSGEVYTCQVEHPSLTSPLTVEWRATGGDDDDK
;
B
3 'polypeptide(L)' SAVRL(CIR)SSVPGVR C
#
# COMPACT_ATOMS: atom_id res chain seq x y z
N GLU A 3 14.90 -3.58 10.22
CA GLU A 3 14.98 -4.33 8.97
C GLU A 3 15.11 -3.43 7.75
N GLU A 4 15.69 -3.98 6.67
CA GLU A 4 15.84 -3.22 5.44
C GLU A 4 14.62 -3.38 4.52
N HIS A 5 14.12 -4.62 4.38
CA HIS A 5 13.00 -4.85 3.47
C HIS A 5 12.08 -5.95 3.95
N VAL A 6 10.83 -5.88 3.51
CA VAL A 6 9.88 -6.94 3.80
C VAL A 6 9.12 -7.33 2.55
N ILE A 7 9.03 -8.63 2.31
CA ILE A 7 8.25 -9.16 1.21
C ILE A 7 7.16 -10.02 1.82
N ILE A 8 5.91 -9.73 1.45
CA ILE A 8 4.78 -10.45 1.99
C ILE A 8 3.94 -11.02 0.86
N GLN A 9 3.64 -12.32 0.98
CA GLN A 9 2.66 -13.01 0.17
C GLN A 9 1.35 -12.96 0.97
N ALA A 10 0.43 -12.13 0.52
CA ALA A 10 -0.80 -11.89 1.28
C ALA A 10 -2.01 -12.48 0.57
N GLU A 11 -2.85 -13.17 1.35
CA GLU A 11 -4.01 -13.84 0.79
C GLU A 11 -5.24 -13.51 1.63
N PHE A 12 -6.41 -13.48 1.00
CA PHE A 12 -7.63 -13.52 1.80
C PHE A 12 -8.73 -14.28 1.07
N TYR A 13 -9.71 -14.74 1.84
CA TYR A 13 -10.93 -15.30 1.30
C TYR A 13 -12.08 -14.76 2.14
N LEU A 14 -13.13 -14.32 1.48
CA LEU A 14 -14.22 -13.65 2.17
C LEU A 14 -15.58 -14.31 1.89
N ASN A 15 -16.30 -14.64 2.97
CA ASN A 15 -17.67 -15.12 2.84
C ASN A 15 -18.67 -14.03 3.30
N PRO A 16 -19.90 -13.99 2.71
CA PRO A 16 -20.45 -14.94 1.73
C PRO A 16 -20.13 -14.53 0.29
N ASP A 17 -19.31 -13.50 0.12
CA ASP A 17 -19.02 -12.97 -1.21
C ASP A 17 -18.27 -13.97 -2.08
N GLN A 18 -17.59 -14.91 -1.43
CA GLN A 18 -16.74 -15.88 -2.12
C GLN A 18 -15.67 -15.18 -2.94
N SER A 19 -15.10 -14.13 -2.35
CA SER A 19 -13.99 -13.40 -2.97
C SER A 19 -12.68 -13.81 -2.32
N GLY A 20 -11.71 -14.14 -3.17
CA GLY A 20 -10.38 -14.52 -2.71
C GLY A 20 -9.29 -13.79 -3.48
N GLU A 21 -8.28 -13.31 -2.77
CA GLU A 21 -7.24 -12.53 -3.41
C GLU A 21 -5.83 -13.11 -3.11
N PHE A 22 -4.88 -12.90 -4.01
CA PHE A 22 -3.52 -13.40 -3.79
C PHE A 22 -2.55 -12.36 -4.34
N MET A 23 -1.63 -11.87 -3.52
CA MET A 23 -0.67 -10.89 -4.01
C MET A 23 0.67 -10.92 -3.26
N PHE A 24 1.67 -10.28 -3.84
CA PHE A 24 2.96 -10.10 -3.20
C PHE A 24 3.17 -8.60 -2.94
N ASP A 25 3.68 -8.28 -1.76
CA ASP A 25 3.90 -6.89 -1.36
C ASP A 25 5.40 -6.73 -1.07
N PHE A 26 5.99 -5.63 -1.54
CA PHE A 26 7.36 -5.33 -1.21
C PHE A 26 7.38 -3.96 -0.54
N ASP A 27 7.71 -3.93 0.75
CA ASP A 27 7.82 -2.67 1.49
C ASP A 27 6.58 -1.80 1.30
N GLY A 28 5.41 -2.41 1.15
CA GLY A 28 4.17 -1.65 1.03
C GLY A 28 3.65 -1.38 -0.38
N ASP A 29 4.41 -1.80 -1.40
CA ASP A 29 3.94 -1.68 -2.79
C ASP A 29 3.62 -3.05 -3.38
N GLU A 30 2.66 -3.08 -4.28
CA GLU A 30 2.25 -4.33 -4.85
C GLU A 30 3.23 -4.76 -5.94
N ILE A 31 3.78 -5.96 -5.82
CA ILE A 31 4.63 -6.50 -6.90
C ILE A 31 3.74 -7.05 -8.01
N PHE A 32 2.81 -7.91 -7.63
CA PHE A 32 1.82 -8.46 -8.55
C PHE A 32 0.64 -9.02 -7.78
N HIS A 33 -0.46 -9.29 -8.48
CA HIS A 33 -1.52 -10.11 -7.92
C HIS A 33 -1.92 -11.12 -8.97
N VAL A 34 -2.70 -12.11 -8.56
CA VAL A 34 -3.23 -13.10 -9.47
C VAL A 34 -4.70 -12.83 -9.70
N ASP A 35 -5.04 -12.64 -10.97
CA ASP A 35 -6.43 -12.56 -11.40
C ASP A 35 -7.05 -13.96 -11.34
N MET A 36 -7.89 -14.23 -10.34
CA MET A 36 -8.40 -15.59 -10.12
C MET A 36 -9.30 -16.09 -11.26
N ALA A 37 -10.12 -15.21 -11.81
CA ALA A 37 -11.05 -15.60 -12.87
C ALA A 37 -10.30 -15.94 -14.15
N LYS A 38 -9.27 -15.15 -14.46
CA LYS A 38 -8.49 -15.36 -15.67
C LYS A 38 -7.33 -16.32 -15.40
N LYS A 39 -7.05 -16.61 -14.14
CA LYS A 39 -5.91 -17.46 -13.77
C LYS A 39 -4.64 -16.87 -14.38
N GLU A 40 -4.45 -15.56 -14.18
CA GLU A 40 -3.28 -14.87 -14.73
C GLU A 40 -2.54 -14.00 -13.74
N THR A 41 -1.22 -13.96 -13.90
CA THR A 41 -0.40 -13.13 -13.06
C THR A 41 -0.42 -11.73 -13.63
N VAL A 42 -0.78 -10.74 -12.79
CA VAL A 42 -0.84 -9.34 -13.21
C VAL A 42 0.21 -8.51 -12.48
N TRP A 43 1.27 -8.13 -13.20
CA TRP A 43 2.34 -7.35 -12.59
C TRP A 43 1.91 -5.88 -12.44
N ARG A 44 2.26 -5.27 -11.31
CA ARG A 44 1.80 -3.93 -10.99
C ARG A 44 2.40 -2.89 -11.93
N LEU A 45 3.68 -3.05 -12.22
CA LEU A 45 4.35 -2.33 -13.28
C LEU A 45 4.74 -3.36 -14.34
N GLU A 46 4.47 -3.04 -15.60
CA GLU A 46 4.68 -3.96 -16.71
C GLU A 46 6.11 -4.47 -16.83
N GLU A 47 7.06 -3.63 -16.47
CA GLU A 47 8.47 -3.96 -16.53
C GLU A 47 8.83 -5.19 -15.71
N PHE A 48 8.11 -5.39 -14.62
CA PHE A 48 8.38 -6.47 -13.67
C PHE A 48 8.34 -7.83 -14.36
N GLY A 49 7.41 -8.00 -15.31
CA GLY A 49 7.21 -9.29 -15.94
C GLY A 49 8.30 -9.67 -16.92
N ARG A 50 9.19 -8.72 -17.22
CA ARG A 50 10.34 -8.99 -18.09
C ARG A 50 11.48 -9.61 -17.28
N PHE A 51 11.44 -9.46 -15.96
CA PHE A 51 12.53 -9.90 -15.09
C PHE A 51 12.16 -11.12 -14.25
N ALA A 52 10.85 -11.33 -14.07
CA ALA A 52 10.38 -12.42 -13.22
C ALA A 52 9.13 -13.06 -13.78
N SER A 53 8.80 -14.25 -13.30
CA SER A 53 7.56 -14.90 -13.70
C SER A 53 6.90 -15.47 -12.46
N PHE A 54 5.62 -15.78 -12.56
CA PHE A 54 4.92 -16.49 -11.50
C PHE A 54 3.82 -17.37 -12.08
N GLU A 55 3.84 -18.63 -11.70
CA GLU A 55 2.84 -19.59 -12.14
C GLU A 55 1.53 -19.35 -11.37
N ALA A 56 0.58 -18.68 -12.03
CA ALA A 56 -0.67 -18.26 -11.39
C ALA A 56 -1.48 -19.40 -10.79
N GLN A 57 -1.33 -20.59 -11.34
CA GLN A 57 -2.09 -21.75 -10.89
C GLN A 57 -1.85 -22.06 -9.41
N GLY A 58 -0.63 -21.82 -8.95
CA GLY A 58 -0.28 -22.08 -7.56
C GLY A 58 -1.07 -21.27 -6.56
N ALA A 59 -1.45 -20.05 -6.95
CA ALA A 59 -2.24 -19.18 -6.10
C ALA A 59 -3.61 -19.78 -5.84
N LEU A 60 -4.14 -20.43 -6.87
CA LEU A 60 -5.46 -21.05 -6.83
C LEU A 60 -5.53 -22.12 -5.73
N ALA A 61 -4.46 -22.90 -5.60
CA ALA A 61 -4.44 -23.95 -4.59
C ALA A 61 -4.49 -23.37 -3.17
N ASN A 62 -3.74 -22.29 -2.93
CA ASN A 62 -3.73 -21.63 -1.63
C ASN A 62 -5.08 -21.05 -1.26
N ILE A 63 -5.73 -20.42 -2.23
CA ILE A 63 -7.02 -19.80 -2.00
C ILE A 63 -8.06 -20.87 -1.64
N ALA A 64 -7.94 -22.04 -2.25
CA ALA A 64 -8.84 -23.14 -1.93
C ALA A 64 -8.67 -23.59 -0.48
N VAL A 65 -7.43 -23.65 -0.02
CA VAL A 65 -7.18 -23.98 1.38
C VAL A 65 -7.72 -22.88 2.31
N ASP A 66 -7.53 -21.61 1.92
CA ASP A 66 -7.98 -20.49 2.75
C ASP A 66 -9.50 -20.50 2.89
N LYS A 67 -10.17 -20.87 1.82
CA LYS A 67 -11.63 -21.00 1.82
C LYS A 67 -12.04 -22.10 2.80
N ALA A 68 -11.37 -23.25 2.72
CA ALA A 68 -11.66 -24.34 3.63
C ALA A 68 -11.33 -23.97 5.07
N ASN A 69 -10.22 -23.24 5.28
CA ASN A 69 -9.86 -22.79 6.63
C ASN A 69 -10.87 -21.79 7.19
N LEU A 70 -11.39 -20.91 6.35
CA LEU A 70 -12.40 -19.97 6.80
C LEU A 70 -13.64 -20.70 7.33
N GLU A 71 -14.05 -21.76 6.64
CA GLU A 71 -15.19 -22.57 7.10
C GLU A 71 -14.91 -23.09 8.51
N ILE A 72 -13.72 -23.64 8.70
CA ILE A 72 -13.34 -24.16 10.00
C ILE A 72 -13.33 -23.08 11.09
N MET A 73 -12.69 -21.94 10.81
CA MET A 73 -12.53 -20.89 11.81
C MET A 73 -13.85 -20.20 12.13
N THR A 74 -14.72 -20.08 11.13
CA THR A 74 -16.04 -19.52 11.37
C THR A 74 -16.82 -20.33 12.41
N LYS A 75 -16.83 -21.66 12.26
CA LYS A 75 -17.48 -22.53 13.25
C LYS A 75 -16.82 -22.43 14.61
N ARG A 76 -15.50 -22.46 14.60
CA ARG A 76 -14.71 -22.38 15.83
C ARG A 76 -15.03 -21.09 16.58
N SER A 77 -15.29 -20.00 15.85
CA SER A 77 -15.58 -18.71 16.48
C SER A 77 -17.05 -18.59 16.87
N ASN A 78 -17.81 -19.67 16.68
CA ASN A 78 -19.26 -19.67 16.85
C ASN A 78 -19.96 -18.64 15.96
N TYR A 79 -19.49 -18.58 14.71
CA TYR A 79 -20.05 -17.70 13.67
C TYR A 79 -20.05 -16.21 14.09
N THR A 80 -18.94 -15.78 14.70
CA THR A 80 -18.74 -14.37 15.04
C THR A 80 -18.31 -13.66 13.76
N PRO A 81 -19.11 -12.70 13.31
CA PRO A 81 -18.85 -12.01 12.04
C PRO A 81 -17.86 -10.89 12.19
N ILE A 82 -17.37 -10.38 11.08
CA ILE A 82 -16.45 -9.27 11.10
C ILE A 82 -17.13 -7.97 11.54
N THR A 83 -16.39 -7.13 12.23
CA THR A 83 -16.90 -5.82 12.53
C THR A 83 -16.45 -4.87 11.42
N ASN A 84 -17.41 -4.15 10.85
CA ASN A 84 -17.11 -3.21 9.78
C ASN A 84 -16.24 -2.07 10.27
N VAL A 85 -15.19 -1.77 9.51
CA VAL A 85 -14.36 -0.60 9.79
C VAL A 85 -14.37 0.29 8.55
N PRO A 86 -15.01 1.47 8.66
CA PRO A 86 -15.15 2.33 7.49
C PRO A 86 -13.82 2.98 7.11
N PRO A 87 -13.65 3.30 5.81
CA PRO A 87 -12.40 3.86 5.28
C PRO A 87 -12.16 5.32 5.56
N GLU A 88 -10.89 5.72 5.57
CA GLU A 88 -10.50 7.12 5.44
C GLU A 88 -10.28 7.36 3.97
N VAL A 89 -10.77 8.47 3.43
CA VAL A 89 -10.63 8.69 2.01
C VAL A 89 -9.93 10.01 1.77
N THR A 90 -8.95 9.97 0.89
CA THR A 90 -8.23 11.19 0.50
C THR A 90 -8.13 11.27 -1.01
N VAL A 91 -8.30 12.48 -1.53
CA VAL A 91 -8.12 12.71 -2.96
C VAL A 91 -6.97 13.68 -3.14
N LEU A 92 -6.03 13.34 -4.01
CA LEU A 92 -4.87 14.18 -4.31
C LEU A 92 -4.44 14.01 -5.77
N THR A 93 -3.57 14.91 -6.26
CA THR A 93 -3.02 14.71 -7.61
C THR A 93 -1.63 14.15 -7.48
N ASN A 94 -1.15 13.46 -8.52
CA ASN A 94 0.19 12.89 -8.41
C ASN A 94 1.30 13.89 -8.72
N SER A 95 0.95 15.07 -9.24
CA SER A 95 1.94 16.14 -9.46
C SER A 95 1.26 17.49 -9.31
N PRO A 96 2.06 18.56 -9.13
CA PRO A 96 1.48 19.92 -9.04
C PRO A 96 0.61 20.22 -10.25
N VAL A 97 -0.51 20.88 -9.99
CA VAL A 97 -1.50 21.10 -11.04
C VAL A 97 -1.17 22.34 -11.85
N GLU A 98 -1.15 22.18 -13.17
CA GLU A 98 -1.02 23.32 -14.05
C GLU A 98 -2.17 23.23 -15.03
N LEU A 99 -2.81 24.36 -15.32
CA LEU A 99 -3.94 24.39 -16.24
C LEU A 99 -3.60 23.77 -17.57
N ARG A 100 -4.52 22.94 -18.07
CA ARG A 100 -4.35 22.21 -19.30
C ARG A 100 -3.05 21.42 -19.46
N GLU A 101 -2.49 21.01 -18.32
CA GLU A 101 -1.38 20.05 -18.30
C GLU A 101 -1.88 18.73 -17.72
N PRO A 102 -1.85 17.67 -18.52
CA PRO A 102 -2.36 16.36 -18.14
C PRO A 102 -1.85 15.98 -16.75
N ASN A 103 -2.75 15.52 -15.88
CA ASN A 103 -2.41 15.14 -14.52
C ASN A 103 -3.23 13.91 -14.16
N VAL A 104 -3.08 13.42 -12.93
CA VAL A 104 -3.85 12.27 -12.49
C VAL A 104 -4.39 12.49 -11.09
N LEU A 105 -5.70 12.31 -10.93
CA LEU A 105 -6.31 12.30 -9.60
C LEU A 105 -6.19 10.92 -8.97
N ILE A 106 -5.81 10.90 -7.69
CA ILE A 106 -5.70 9.68 -6.92
C ILE A 106 -6.71 9.71 -5.79
N CYS A 107 -7.50 8.65 -5.70
CA CYS A 107 -8.40 8.47 -4.57
C CYS A 107 -7.83 7.37 -3.71
N PHE A 108 -7.42 7.74 -2.50
CA PHE A 108 -6.82 6.76 -1.62
C PHE A 108 -7.84 6.34 -0.56
N ILE A 109 -8.18 5.05 -0.53
CA ILE A 109 -9.18 4.53 0.39
C ILE A 109 -8.42 3.64 1.37
N ASP A 110 -8.50 3.96 2.66
CA ASP A 110 -7.55 3.41 3.63
C ASP A 110 -8.19 2.95 4.94
N LYS A 111 -7.54 2.01 5.63
CA LYS A 111 -7.88 1.58 6.99
C LYS A 111 -9.30 1.03 7.12
N PHE A 112 -9.67 0.13 6.23
CA PHE A 112 -11.01 -0.39 6.26
C PHE A 112 -11.06 -1.92 6.14
N THR A 113 -12.19 -2.47 6.57
CA THR A 113 -12.49 -3.88 6.38
C THR A 113 -14.00 -4.10 6.58
N PRO A 114 -14.58 -5.10 5.90
CA PRO A 114 -14.02 -6.09 4.95
C PRO A 114 -13.57 -5.48 3.62
N PRO A 115 -12.79 -6.21 2.82
CA PRO A 115 -12.29 -5.71 1.53
C PRO A 115 -13.37 -5.74 0.43
N VAL A 116 -14.38 -4.89 0.62
CA VAL A 116 -15.44 -4.68 -0.34
C VAL A 116 -15.81 -3.20 -0.33
N VAL A 117 -15.73 -2.57 -1.49
CA VAL A 117 -16.02 -1.15 -1.57
C VAL A 117 -16.60 -0.80 -2.96
N ASN A 118 -17.51 0.18 -3.02
CA ASN A 118 -17.90 0.74 -4.32
C ASN A 118 -17.30 2.12 -4.42
N VAL A 119 -16.53 2.34 -5.48
CA VAL A 119 -15.86 3.61 -5.72
C VAL A 119 -16.28 4.16 -7.05
N THR A 120 -16.71 5.42 -7.05
CA THR A 120 -17.10 6.11 -8.26
C THR A 120 -16.40 7.46 -8.37
N TRP A 121 -15.85 7.76 -9.53
CA TRP A 121 -15.34 9.11 -9.81
C TRP A 121 -16.47 9.99 -10.34
N LEU A 122 -16.59 11.21 -9.83
CA LEU A 122 -17.61 12.12 -10.32
C LEU A 122 -16.97 13.38 -10.91
N ARG A 123 -17.41 13.78 -12.11
CA ARG A 123 -16.99 15.05 -12.68
C ARG A 123 -18.23 15.92 -12.82
N ASN A 124 -18.26 17.05 -12.12
CA ASN A 124 -19.46 17.89 -12.08
C ASN A 124 -20.70 17.10 -11.69
N GLY A 125 -20.55 16.18 -10.74
CA GLY A 125 -21.68 15.42 -10.25
C GLY A 125 -22.07 14.23 -11.09
N LYS A 126 -21.30 13.96 -12.14
CA LYS A 126 -21.62 12.85 -13.04
C LYS A 126 -20.56 11.74 -13.02
N PRO A 127 -21.00 10.47 -13.01
CA PRO A 127 -20.05 9.35 -13.01
C PRO A 127 -19.20 9.35 -14.25
N VAL A 128 -17.90 9.14 -14.08
CA VAL A 128 -17.01 9.06 -15.22
C VAL A 128 -16.21 7.78 -15.14
N THR A 129 -15.99 7.15 -16.28
CA THR A 129 -15.31 5.86 -16.30
C THR A 129 -14.20 5.84 -17.35
N THR A 130 -14.16 6.86 -18.19
CA THR A 130 -13.15 6.94 -19.24
C THR A 130 -11.76 7.10 -18.63
N GLY A 131 -10.92 6.09 -18.83
CA GLY A 131 -9.53 6.18 -18.41
C GLY A 131 -9.24 5.83 -16.96
N VAL A 132 -10.27 5.48 -16.21
CA VAL A 132 -10.08 5.16 -14.80
C VAL A 132 -9.37 3.83 -14.66
N SER A 133 -8.66 3.66 -13.54
CA SER A 133 -8.01 2.41 -13.23
C SER A 133 -8.00 2.27 -11.72
N GLU A 134 -7.61 1.09 -11.23
CA GLU A 134 -7.66 0.84 -9.79
C GLU A 134 -6.75 -0.30 -9.40
N THR A 135 -6.37 -0.34 -8.13
CA THR A 135 -5.59 -1.46 -7.60
C THR A 135 -6.51 -2.48 -6.98
N VAL A 136 -5.97 -3.66 -6.70
CA VAL A 136 -6.68 -4.64 -5.87
C VAL A 136 -6.65 -4.16 -4.42
N PHE A 137 -7.20 -4.96 -3.52
CA PHE A 137 -7.16 -4.62 -2.10
C PHE A 137 -5.76 -4.88 -1.55
N LEU A 138 -5.19 -3.88 -0.90
CA LEU A 138 -3.82 -3.99 -0.44
C LEU A 138 -3.77 -4.16 1.07
N PRO A 139 -2.89 -5.04 1.57
CA PRO A 139 -2.84 -5.36 3.00
C PRO A 139 -2.18 -4.26 3.83
N ARG A 140 -2.68 -4.07 5.04
CA ARG A 140 -2.05 -3.17 6.01
C ARG A 140 -1.43 -3.97 7.14
N GLU A 141 -0.46 -3.37 7.83
CA GLU A 141 0.19 -4.05 8.95
C GLU A 141 -0.76 -4.26 10.11
N ASP A 142 -1.86 -3.52 10.13
CA ASP A 142 -2.86 -3.76 11.16
C ASP A 142 -3.93 -4.68 10.63
N HIS A 143 -3.71 -5.21 9.42
CA HIS A 143 -4.54 -6.26 8.83
C HIS A 143 -5.92 -5.78 8.38
N LEU A 144 -6.04 -4.45 8.30
CA LEU A 144 -7.10 -3.81 7.53
C LEU A 144 -6.59 -3.70 6.08
N PHE A 145 -7.30 -2.94 5.26
CA PHE A 145 -6.94 -2.87 3.84
C PHE A 145 -6.87 -1.43 3.35
N ARG A 146 -6.23 -1.25 2.19
CA ARG A 146 -6.24 0.04 1.51
C ARG A 146 -6.34 -0.21 0.01
N LYS A 147 -6.64 0.83 -0.74
CA LYS A 147 -6.91 0.67 -2.15
C LYS A 147 -6.73 2.00 -2.87
N PHE A 148 -6.35 1.94 -4.14
CA PHE A 148 -6.17 3.16 -4.93
C PHE A 148 -7.04 3.18 -6.17
N HIS A 149 -7.63 4.33 -6.46
CA HIS A 149 -8.33 4.54 -7.72
C HIS A 149 -7.72 5.76 -8.42
N TYR A 150 -7.68 5.72 -9.74
CA TYR A 150 -6.97 6.74 -10.50
C TYR A 150 -7.85 7.31 -11.59
N LEU A 151 -7.72 8.61 -11.83
CA LEU A 151 -8.43 9.26 -12.91
C LEU A 151 -7.53 10.26 -13.60
N PRO A 152 -7.02 9.91 -14.79
CA PRO A 152 -6.29 10.89 -15.60
C PRO A 152 -7.24 12.01 -15.99
N PHE A 153 -6.78 13.25 -15.94
CA PHE A 153 -7.65 14.36 -16.26
C PHE A 153 -6.90 15.58 -16.75
N LEU A 154 -7.63 16.47 -17.42
CA LEU A 154 -7.08 17.72 -17.88
C LEU A 154 -7.63 18.85 -17.02
N PRO A 155 -6.79 19.40 -16.14
CA PRO A 155 -7.24 20.41 -15.18
C PRO A 155 -7.85 21.63 -15.87
N SER A 156 -8.97 22.12 -15.35
CA SER A 156 -9.63 23.29 -15.91
C SER A 156 -10.38 23.96 -14.77
N THR A 157 -10.68 25.23 -14.94
CA THR A 157 -11.43 25.97 -13.95
C THR A 157 -12.92 25.57 -13.96
N GLU A 158 -13.32 24.83 -14.99
CA GLU A 158 -14.72 24.51 -15.22
C GLU A 158 -15.20 23.20 -14.61
N ASP A 159 -14.27 22.36 -14.17
CA ASP A 159 -14.61 21.06 -13.62
C ASP A 159 -14.30 20.91 -12.13
N VAL A 160 -15.22 20.27 -11.41
CA VAL A 160 -14.94 19.82 -10.06
C VAL A 160 -15.05 18.31 -10.04
N TYR A 161 -14.33 17.69 -9.11
CA TYR A 161 -14.32 16.25 -8.99
C TYR A 161 -14.62 15.82 -7.57
N ASP A 162 -15.16 14.61 -7.46
CA ASP A 162 -15.35 13.96 -6.18
C ASP A 162 -15.02 12.51 -6.36
N CYS A 163 -14.43 11.92 -5.33
CA CYS A 163 -14.34 10.49 -5.24
C CYS A 163 -15.41 10.02 -4.28
N ARG A 164 -16.31 9.16 -4.75
CA ARG A 164 -17.39 8.67 -3.91
C ARG A 164 -17.17 7.23 -3.49
N VAL A 165 -17.16 7.01 -2.19
CA VAL A 165 -16.85 5.68 -1.65
C VAL A 165 -18.02 5.14 -0.82
N GLU A 166 -18.49 3.95 -1.16
CA GLU A 166 -19.51 3.27 -0.38
C GLU A 166 -18.89 2.07 0.31
N HIS A 167 -19.21 1.92 1.59
CA HIS A 167 -18.69 0.80 2.38
C HIS A 167 -19.70 0.49 3.49
N TRP A 168 -19.82 -0.78 3.86
CA TRP A 168 -20.82 -1.18 4.85
C TRP A 168 -20.63 -0.56 6.22
N GLY A 169 -19.42 -0.07 6.51
CA GLY A 169 -19.17 0.60 7.77
C GLY A 169 -19.61 2.06 7.77
N LEU A 170 -20.00 2.56 6.60
CA LEU A 170 -20.47 3.95 6.45
C LEU A 170 -22.00 4.04 6.42
N ASP A 171 -22.54 5.05 7.10
CA ASP A 171 -23.99 5.32 7.10
C ASP A 171 -24.46 5.95 5.79
N GLU A 172 -23.56 6.75 5.21
N GLU A 172 -23.57 6.72 5.17
CA GLU A 172 -23.79 7.45 3.96
CA GLU A 172 -23.86 7.34 3.89
C GLU A 172 -22.58 7.24 3.05
C GLU A 172 -22.62 7.26 3.05
N PRO A 173 -22.76 7.38 1.72
CA PRO A 173 -21.55 7.34 0.90
C PRO A 173 -20.65 8.52 1.27
N LEU A 174 -19.34 8.29 1.21
CA LEU A 174 -18.39 9.33 1.55
C LEU A 174 -17.91 9.98 0.28
N LEU A 175 -18.07 11.29 0.19
CA LEU A 175 -17.59 12.04 -0.96
C LEU A 175 -16.42 12.92 -0.58
N LYS A 176 -15.31 12.75 -1.29
CA LYS A 176 -14.17 13.62 -1.08
C LYS A 176 -13.94 14.46 -2.32
N HIS A 177 -13.84 15.77 -2.11
CA HIS A 177 -13.88 16.71 -3.21
C HIS A 177 -12.52 17.12 -3.67
N TRP A 178 -12.40 17.44 -4.97
CA TRP A 178 -11.22 18.14 -5.45
C TRP A 178 -11.61 19.16 -6.50
N GLU A 179 -11.02 20.34 -6.41
CA GLU A 179 -11.13 21.33 -7.48
C GLU A 179 -9.90 22.22 -7.58
N PHE A 180 -9.72 22.80 -8.76
CA PHE A 180 -8.58 23.64 -9.08
C PHE A 180 -8.56 24.85 -8.14
N ASP A 181 -7.43 25.04 -7.45
CA ASP A 181 -7.16 26.06 -6.41
C ASP A 181 -7.15 25.41 -5.02
N ASP B 4 -27.22 -4.95 1.47
CA ASP B 4 -26.72 -6.23 1.96
C ASP B 4 -26.19 -6.14 3.38
N THR B 5 -26.99 -6.64 4.31
CA THR B 5 -26.64 -6.58 5.73
C THR B 5 -26.14 -7.94 6.23
N ARG B 6 -26.02 -8.91 5.33
CA ARG B 6 -25.53 -10.24 5.70
C ARG B 6 -24.15 -10.12 6.35
N PRO B 7 -23.92 -10.89 7.43
CA PRO B 7 -22.62 -10.90 8.12
C PRO B 7 -21.51 -11.42 7.22
N ARG B 8 -20.32 -10.83 7.37
CA ARG B 8 -19.15 -11.24 6.61
C ARG B 8 -18.19 -11.98 7.50
N PHE B 9 -17.41 -12.87 6.88
CA PHE B 9 -16.40 -13.65 7.56
C PHE B 9 -15.14 -13.66 6.70
N LEU B 10 -14.01 -13.35 7.29
CA LEU B 10 -12.77 -13.15 6.55
C LEU B 10 -11.62 -14.01 7.06
N GLU B 11 -10.94 -14.68 6.14
CA GLU B 11 -9.71 -15.38 6.47
C GLU B 11 -8.54 -14.66 5.79
N GLN B 12 -7.46 -14.44 6.52
CA GLN B 12 -6.25 -13.91 5.88
C GLN B 12 -5.05 -14.77 6.19
N VAL B 13 -4.12 -14.82 5.24
CA VAL B 13 -2.83 -15.44 5.44
C VAL B 13 -1.77 -14.52 4.94
N LYS B 14 -0.72 -14.36 5.74
CA LYS B 14 0.43 -13.57 5.32
C LYS B 14 1.73 -14.34 5.54
N HIS B 15 2.43 -14.61 4.45
CA HIS B 15 3.72 -15.29 4.52
C HIS B 15 4.76 -14.21 4.37
N GLU B 16 5.48 -13.90 5.45
CA GLU B 16 6.34 -12.72 5.48
C GLU B 16 7.82 -13.08 5.50
N CYS B 17 8.59 -12.35 4.69
CA CYS B 17 10.04 -12.49 4.69
C CYS B 17 10.65 -11.16 5.09
N HIS B 18 11.40 -11.17 6.19
CA HIS B 18 12.02 -9.97 6.69
C HIS B 18 13.52 -10.04 6.49
N PHE B 19 14.06 -9.02 5.84
CA PHE B 19 15.46 -9.03 5.44
C PHE B 19 16.25 -7.94 6.16
N PHE B 20 17.43 -8.29 6.67
CA PHE B 20 18.28 -7.33 7.35
C PHE B 20 19.64 -7.47 6.67
N ASN B 21 20.19 -6.37 6.20
CA ASN B 21 21.50 -6.37 5.54
C ASN B 21 21.55 -7.36 4.38
N GLY B 22 20.73 -7.09 3.36
CA GLY B 22 20.58 -8.01 2.26
C GLY B 22 19.91 -9.29 2.69
N THR B 23 20.56 -10.42 2.43
CA THR B 23 20.06 -11.71 2.87
C THR B 23 20.97 -12.30 3.96
N GLU B 24 21.76 -11.45 4.59
CA GLU B 24 22.70 -11.87 5.62
C GLU B 24 21.95 -12.39 6.82
N ARG B 25 20.88 -11.68 7.17
CA ARG B 25 19.99 -12.09 8.24
C ARG B 25 18.55 -12.09 7.70
N VAL B 26 17.86 -13.20 7.85
CA VAL B 26 16.50 -13.33 7.31
C VAL B 26 15.55 -13.96 8.33
N ARG B 27 14.34 -13.43 8.42
CA ARG B 27 13.30 -13.98 9.28
C ARG B 27 12.02 -14.27 8.50
N PHE B 28 11.43 -15.45 8.72
CA PHE B 28 10.23 -15.88 8.02
C PHE B 28 9.06 -16.03 8.99
N LEU B 29 7.92 -15.45 8.63
CA LEU B 29 6.69 -15.60 9.43
C LEU B 29 5.54 -16.18 8.60
N ASP B 30 4.93 -17.26 9.09
CA ASP B 30 3.78 -17.85 8.40
C ASP B 30 2.58 -17.45 9.31
N ARG B 31 1.72 -16.52 8.88
CA ARG B 31 0.74 -15.89 9.81
C ARG B 31 -0.69 -16.13 9.32
N TYR B 32 -1.58 -16.57 10.22
CA TYR B 32 -2.96 -16.86 9.84
C TYR B 32 -3.95 -15.96 10.59
N PHE B 33 -4.96 -15.43 9.91
CA PHE B 33 -5.87 -14.45 10.52
C PHE B 33 -7.36 -14.79 10.32
N TYR B 34 -8.15 -14.55 11.36
CA TYR B 34 -9.60 -14.60 11.26
C TYR B 34 -10.14 -13.19 11.51
N HIS B 35 -10.77 -12.58 10.49
CA HIS B 35 -11.04 -11.13 10.46
C HIS B 35 -9.70 -10.38 10.54
N GLN B 36 -9.45 -9.63 11.63
CA GLN B 36 -8.16 -8.94 11.85
C GLN B 36 -7.28 -9.63 12.89
N GLU B 37 -7.81 -10.69 13.49
CA GLU B 37 -7.16 -11.40 14.59
C GLU B 37 -6.17 -12.50 14.18
N GLU B 38 -4.89 -12.29 14.41
CA GLU B 38 -3.91 -13.36 14.17
C GLU B 38 -4.15 -14.46 15.20
N TYR B 39 -4.35 -15.70 14.76
CA TYR B 39 -4.64 -16.79 15.69
C TYR B 39 -3.52 -17.83 15.81
N VAL B 40 -2.68 -17.95 14.79
CA VAL B 40 -1.55 -18.89 14.89
C VAL B 40 -0.43 -18.43 13.96
N ARG B 41 0.82 -18.72 14.31
CA ARG B 41 1.93 -18.27 13.46
C ARG B 41 3.13 -19.21 13.57
N PHE B 42 3.86 -19.34 12.47
CA PHE B 42 5.18 -19.94 12.50
C PHE B 42 6.21 -18.80 12.40
N ASP B 43 7.12 -18.74 13.37
CA ASP B 43 8.23 -17.79 13.39
C ASP B 43 9.52 -18.59 13.21
N SER B 44 10.32 -18.25 12.19
CA SER B 44 11.58 -18.97 11.93
C SER B 44 12.54 -18.86 13.10
N ASP B 45 12.35 -17.86 13.95
CA ASP B 45 13.14 -17.72 15.19
C ASP B 45 12.87 -18.87 16.17
N VAL B 46 11.69 -19.48 16.05
CA VAL B 46 11.24 -20.53 16.94
C VAL B 46 11.33 -21.90 16.26
N GLY B 47 10.76 -22.02 15.06
CA GLY B 47 10.89 -23.27 14.32
C GLY B 47 9.69 -24.17 14.53
N GLU B 48 8.67 -23.62 15.17
CA GLU B 48 7.41 -24.30 15.35
C GLU B 48 6.28 -23.29 15.29
N TYR B 49 5.06 -23.79 15.07
CA TYR B 49 3.87 -22.97 15.16
C TYR B 49 3.56 -22.71 16.64
N ARG B 50 3.03 -21.52 16.92
CA ARG B 50 2.57 -21.16 18.27
C ARG B 50 1.18 -20.49 18.16
N ALA B 51 0.26 -20.86 19.03
CA ALA B 51 -1.05 -20.21 19.05
C ALA B 51 -0.87 -18.76 19.50
N VAL B 52 -1.51 -17.83 18.80
CA VAL B 52 -1.47 -16.42 19.23
C VAL B 52 -2.67 -16.11 20.11
N THR B 53 -3.80 -16.74 19.77
CA THR B 53 -5.00 -16.68 20.59
C THR B 53 -5.49 -18.12 20.74
N GLU B 54 -6.47 -18.31 21.62
CA GLU B 54 -7.03 -19.63 21.90
C GLU B 54 -7.58 -20.29 20.65
N LEU B 55 -8.09 -19.46 19.76
CA LEU B 55 -8.66 -19.90 18.49
C LEU B 55 -7.68 -20.71 17.64
N GLY B 56 -6.38 -20.45 17.83
CA GLY B 56 -5.37 -21.10 17.00
C GLY B 56 -4.71 -22.31 17.63
N ARG B 57 -5.05 -22.65 18.88
CA ARG B 57 -4.42 -23.78 19.57
C ARG B 57 -4.58 -25.13 18.84
N PRO B 58 -5.78 -25.43 18.33
CA PRO B 58 -5.87 -26.73 17.66
C PRO B 58 -4.94 -26.82 16.44
N ASP B 59 -4.80 -25.73 15.69
CA ASP B 59 -3.94 -25.74 14.51
C ASP B 59 -2.46 -25.83 14.91
N ALA B 60 -2.05 -25.09 15.94
CA ALA B 60 -0.65 -25.16 16.41
C ALA B 60 -0.27 -26.62 16.77
N GLU B 61 -1.13 -27.30 17.51
CA GLU B 61 -0.84 -28.67 17.92
C GLU B 61 -0.85 -29.63 16.73
N TYR B 62 -1.81 -29.41 15.85
CA TYR B 62 -1.93 -30.28 14.69
C TYR B 62 -0.77 -30.10 13.74
N TRP B 63 -0.44 -28.84 13.44
CA TRP B 63 0.64 -28.54 12.50
C TRP B 63 2.02 -28.93 13.04
N ASN B 64 2.22 -28.74 14.34
CA ASN B 64 3.50 -29.11 14.95
C ASN B 64 3.69 -30.63 15.00
N SER B 65 2.61 -31.39 14.81
CA SER B 65 2.74 -32.85 14.79
C SER B 65 3.17 -33.36 13.43
N GLN B 66 3.24 -32.46 12.45
CA GLN B 66 3.62 -32.83 11.08
C GLN B 66 5.07 -32.40 10.79
N LYS B 67 5.99 -33.34 10.96
CA LYS B 67 7.41 -33.07 10.82
C LYS B 67 7.83 -32.58 9.43
N ASP B 68 7.21 -33.13 8.39
CA ASP B 68 7.50 -32.75 7.01
C ASP B 68 7.08 -31.30 6.79
N LEU B 69 5.92 -30.94 7.32
CA LEU B 69 5.43 -29.57 7.23
C LEU B 69 6.37 -28.59 7.93
N LEU B 70 6.78 -28.92 9.14
CA LEU B 70 7.66 -28.04 9.89
C LEU B 70 8.98 -27.84 9.17
N GLU B 71 9.53 -28.89 8.58
CA GLU B 71 10.77 -28.76 7.83
C GLU B 71 10.59 -27.93 6.56
N GLN B 72 9.41 -27.98 5.96
CA GLN B 72 9.14 -27.11 4.83
C GLN B 72 9.23 -25.66 5.31
N LYS B 73 8.57 -25.37 6.42
CA LYS B 73 8.55 -24.02 6.99
C LYS B 73 9.91 -23.56 7.51
N ARG B 74 10.67 -24.50 8.09
CA ARG B 74 12.00 -24.20 8.61
C ARG B 74 13.02 -23.86 7.55
N ALA B 75 12.79 -24.32 6.33
CA ALA B 75 13.72 -24.08 5.24
C ALA B 75 13.35 -22.83 4.45
N ALA B 76 12.19 -22.24 4.75
CA ALA B 76 11.63 -21.14 3.97
C ALA B 76 12.56 -19.93 3.87
N VAL B 77 13.31 -19.63 4.92
CA VAL B 77 14.22 -18.49 4.87
C VAL B 77 15.19 -18.66 3.70
N ASP B 78 15.49 -19.91 3.35
CA ASP B 78 16.37 -20.17 2.21
C ASP B 78 15.60 -20.37 0.91
N THR B 79 14.67 -21.31 0.92
CA THR B 79 14.01 -21.74 -0.32
C THR B 79 12.95 -20.78 -0.81
N TYR B 80 12.50 -19.90 0.09
CA TYR B 80 11.42 -18.98 -0.21
C TYR B 80 11.89 -17.53 -0.12
N CYS B 81 12.29 -17.10 1.06
CA CYS B 81 12.69 -15.72 1.28
C CYS B 81 13.95 -15.34 0.49
N ARG B 82 15.07 -16.03 0.74
CA ARG B 82 16.32 -15.69 0.04
C ARG B 82 16.13 -15.89 -1.44
N HIS B 83 15.38 -16.92 -1.82
CA HIS B 83 15.14 -17.14 -3.24
C HIS B 83 14.41 -15.99 -3.92
N ASN B 84 13.27 -15.59 -3.36
CA ASN B 84 12.45 -14.54 -3.98
C ASN B 84 13.13 -13.19 -3.97
N TYR B 85 13.92 -12.96 -2.92
CA TYR B 85 14.70 -11.73 -2.84
C TYR B 85 15.63 -11.68 -4.05
N GLY B 86 16.26 -12.81 -4.34
CA GLY B 86 17.17 -12.90 -5.47
C GLY B 86 16.47 -12.64 -6.78
N VAL B 87 15.23 -13.09 -6.87
CA VAL B 87 14.42 -12.98 -8.09
C VAL B 87 14.05 -11.54 -8.42
N GLY B 88 13.72 -10.77 -7.39
CA GLY B 88 13.14 -9.44 -7.49
C GLY B 88 14.08 -8.29 -7.19
N GLU B 89 15.30 -8.62 -6.77
CA GLU B 89 16.24 -7.62 -6.28
C GLU B 89 16.48 -6.48 -7.27
N SER B 90 16.64 -6.78 -8.55
CA SER B 90 16.96 -5.75 -9.54
C SER B 90 15.86 -4.68 -9.71
N PHE B 91 14.60 -5.02 -9.46
CA PHE B 91 13.56 -4.03 -9.66
C PHE B 91 12.80 -3.64 -8.40
N THR B 92 13.27 -4.10 -7.26
CA THR B 92 12.63 -3.73 -6.01
C THR B 92 13.64 -3.09 -5.07
N VAL B 93 14.53 -3.90 -4.52
CA VAL B 93 15.62 -3.47 -3.65
C VAL B 93 16.49 -2.37 -4.29
N GLN B 94 16.79 -2.55 -5.58
CA GLN B 94 17.67 -1.64 -6.32
C GLN B 94 16.88 -0.56 -7.07
N ARG B 95 15.57 -0.52 -6.91
CA ARG B 95 14.77 0.49 -7.60
C ARG B 95 15.13 1.88 -7.08
N ARG B 96 15.45 2.78 -8.00
CA ARG B 96 15.77 4.17 -7.65
C ARG B 96 15.12 5.10 -8.67
N VAL B 97 14.24 5.98 -8.20
CA VAL B 97 13.61 6.95 -9.09
C VAL B 97 13.79 8.34 -8.47
N TYR B 98 14.33 9.25 -9.27
N TYR B 98 14.39 9.24 -9.24
CA TYR B 98 14.65 10.61 -8.83
CA TYR B 98 14.64 10.60 -8.78
C TYR B 98 13.41 11.44 -8.51
C TYR B 98 13.37 11.32 -8.40
N PRO B 99 13.47 12.25 -7.45
CA PRO B 99 12.35 13.17 -7.23
C PRO B 99 12.31 14.35 -8.20
N GLU B 100 11.11 14.77 -8.60
CA GLU B 100 10.91 16.05 -9.25
C GLU B 100 10.61 17.06 -8.15
N VAL B 101 11.25 18.21 -8.22
CA VAL B 101 11.08 19.21 -7.18
C VAL B 101 10.53 20.51 -7.77
N THR B 102 9.40 20.94 -7.23
CA THR B 102 8.74 22.17 -7.67
C THR B 102 8.52 23.09 -6.47
N VAL B 103 8.79 24.39 -6.63
CA VAL B 103 8.45 25.34 -5.58
C VAL B 103 7.39 26.33 -6.09
N TYR B 104 6.31 26.48 -5.34
CA TYR B 104 5.30 27.46 -5.66
C TYR B 104 4.74 28.11 -4.39
N PRO B 105 4.31 29.37 -4.49
CA PRO B 105 3.77 30.07 -3.33
C PRO B 105 2.31 29.70 -3.11
N ALA B 106 1.86 29.79 -1.88
CA ALA B 106 0.47 29.51 -1.54
C ALA B 106 -0.02 30.43 -0.41
N LYS B 107 -1.26 30.21 0.03
CA LYS B 107 -1.83 31.04 1.08
C LYS B 107 -2.36 30.14 2.20
N THR B 108 -2.14 30.54 3.46
CA THR B 108 -2.71 29.81 4.59
C THR B 108 -4.20 30.12 4.74
N GLN B 109 -4.59 31.35 4.47
CA GLN B 109 -6.00 31.69 4.50
C GLN B 109 -6.39 32.51 3.28
N PRO B 110 -7.58 32.23 2.74
CA PRO B 110 -8.04 32.90 1.51
C PRO B 110 -7.98 34.42 1.73
N LEU B 111 -7.97 35.22 0.65
CA LEU B 111 -7.81 36.69 0.76
C LEU B 111 -6.44 37.18 1.26
N GLN B 112 -5.73 36.40 2.06
CA GLN B 112 -4.51 36.91 2.65
C GLN B 112 -3.43 36.88 1.57
N HIS B 113 -2.37 37.68 1.74
CA HIS B 113 -1.26 37.63 0.80
C HIS B 113 -0.53 36.28 0.87
N HIS B 114 0.33 36.01 -0.11
CA HIS B 114 1.13 34.77 -0.12
C HIS B 114 1.97 34.63 1.14
N ASN B 115 1.74 33.57 1.90
CA ASN B 115 2.43 33.40 3.18
C ASN B 115 2.83 31.93 3.40
N LEU B 116 2.86 31.19 2.30
CA LEU B 116 3.24 29.79 2.36
C LEU B 116 4.11 29.41 1.17
N LEU B 117 5.27 28.81 1.40
CA LEU B 117 6.07 28.31 0.28
C LEU B 117 5.98 26.81 0.26
N VAL B 118 5.53 26.28 -0.87
CA VAL B 118 5.38 24.83 -0.99
C VAL B 118 6.54 24.22 -1.78
N CYS B 119 7.21 23.26 -1.15
CA CYS B 119 8.19 22.46 -1.86
C CYS B 119 7.55 21.14 -2.20
N SER B 120 7.23 20.97 -3.48
CA SER B 120 6.58 19.75 -3.94
C SER B 120 7.60 18.77 -4.50
N VAL B 121 7.67 17.61 -3.85
CA VAL B 121 8.63 16.59 -4.22
C VAL B 121 7.87 15.37 -4.72
N ASN B 122 7.99 15.07 -6.01
CA ASN B 122 7.12 14.09 -6.65
C ASN B 122 7.84 12.99 -7.39
N GLY B 123 7.25 11.80 -7.34
CA GLY B 123 7.63 10.71 -8.22
C GLY B 123 8.86 9.93 -7.80
N PHE B 124 9.27 10.02 -6.53
CA PHE B 124 10.52 9.40 -6.12
C PHE B 124 10.30 8.00 -5.53
N TYR B 125 11.38 7.22 -5.54
CA TYR B 125 11.44 5.90 -4.92
C TYR B 125 12.91 5.58 -4.58
N PRO B 126 13.16 5.00 -3.40
CA PRO B 126 12.19 4.62 -2.36
C PRO B 126 11.71 5.80 -1.50
N GLY B 127 11.02 5.49 -0.41
CA GLY B 127 10.35 6.51 0.36
C GLY B 127 11.18 7.42 1.25
N SER B 128 12.33 6.93 1.70
CA SER B 128 13.20 7.69 2.61
C SER B 128 13.69 8.98 1.95
N ILE B 129 13.35 10.10 2.53
CA ILE B 129 13.72 11.39 1.99
C ILE B 129 13.81 12.41 3.10
N GLU B 130 14.68 13.40 2.90
CA GLU B 130 14.82 14.49 3.84
C GLU B 130 14.70 15.78 3.08
N VAL B 131 13.74 16.60 3.48
CA VAL B 131 13.51 17.87 2.82
C VAL B 131 13.67 18.99 3.85
N ARG B 132 14.51 19.97 3.50
CA ARG B 132 14.79 21.09 4.41
C ARG B 132 14.67 22.44 3.70
N TRP B 133 14.26 23.45 4.45
CA TRP B 133 14.12 24.78 3.89
C TRP B 133 15.23 25.71 4.32
N PHE B 134 15.64 26.59 3.41
CA PHE B 134 16.67 27.57 3.71
C PHE B 134 16.23 28.98 3.29
N ARG B 135 16.53 29.96 4.12
CA ARG B 135 16.31 31.36 3.78
C ARG B 135 17.66 32.06 3.79
N ASN B 136 18.08 32.55 2.62
CA ASN B 136 19.40 33.16 2.48
C ASN B 136 20.55 32.32 3.06
N GLY B 137 20.54 31.01 2.81
CA GLY B 137 21.64 30.16 3.23
C GLY B 137 21.59 29.63 4.64
N GLN B 138 20.55 30.02 5.38
CA GLN B 138 20.33 29.55 6.75
C GLN B 138 19.17 28.59 6.81
N GLU B 139 19.35 27.44 7.47
CA GLU B 139 18.25 26.49 7.52
C GLU B 139 17.12 27.12 8.34
N GLU B 140 15.91 27.02 7.81
CA GLU B 140 14.77 27.51 8.53
C GLU B 140 14.03 26.30 9.06
N LYS B 141 14.02 26.18 10.39
CA LYS B 141 13.39 25.05 11.05
C LYS B 141 12.02 25.35 11.68
N THR B 142 11.67 26.62 11.77
CA THR B 142 10.37 27.00 12.34
C THR B 142 9.31 27.17 11.26
N GLY B 143 8.06 26.87 11.60
CA GLY B 143 6.97 27.05 10.68
C GLY B 143 6.97 26.09 9.51
N VAL B 144 7.52 24.89 9.69
CA VAL B 144 7.54 23.90 8.62
C VAL B 144 6.48 22.84 8.91
N VAL B 145 5.60 22.64 7.94
CA VAL B 145 4.55 21.66 8.04
C VAL B 145 4.54 20.82 6.75
N SER B 146 4.16 19.56 6.85
CA SER B 146 4.17 18.68 5.69
C SER B 146 2.94 17.77 5.57
N THR B 147 2.74 17.24 4.38
CA THR B 147 1.76 16.19 4.16
C THR B 147 2.28 14.90 4.79
N GLY B 148 3.59 14.84 5.04
CA GLY B 148 4.22 13.59 5.39
C GLY B 148 4.51 12.81 4.11
N LEU B 149 4.97 11.57 4.25
CA LEU B 149 5.30 10.74 3.10
C LEU B 149 4.03 10.11 2.52
N ILE B 150 3.77 10.37 1.24
CA ILE B 150 2.59 9.83 0.60
C ILE B 150 2.95 8.75 -0.43
N GLN B 151 2.39 7.56 -0.26
CA GLN B 151 2.53 6.51 -1.27
C GLN B 151 1.48 6.77 -2.37
N ASN B 152 1.89 6.69 -3.63
CA ASN B 152 0.96 6.91 -4.73
C ASN B 152 0.34 5.61 -5.23
N GLY B 153 0.87 4.48 -4.76
CA GLY B 153 0.34 3.17 -5.08
C GLY B 153 0.93 2.57 -6.36
N ASP B 154 1.82 3.31 -7.00
CA ASP B 154 2.39 2.91 -8.29
C ASP B 154 3.91 2.87 -8.24
N TRP B 155 4.45 2.55 -7.07
CA TRP B 155 5.90 2.51 -6.85
C TRP B 155 6.57 3.87 -6.93
N THR B 156 5.81 4.91 -6.62
CA THR B 156 6.38 6.24 -6.43
C THR B 156 5.79 6.88 -5.18
N PHE B 157 6.53 7.81 -4.62
CA PHE B 157 6.06 8.56 -3.48
C PHE B 157 5.98 10.02 -3.89
N GLN B 158 5.33 10.82 -3.05
CA GLN B 158 5.42 12.27 -3.13
C GLN B 158 5.33 12.82 -1.73
N THR B 159 5.71 14.07 -1.57
CA THR B 159 5.51 14.76 -0.30
C THR B 159 5.48 16.27 -0.51
N LEU B 160 4.63 16.98 0.22
CA LEU B 160 4.70 18.46 0.18
C LEU B 160 5.28 18.97 1.48
N VAL B 161 6.28 19.83 1.36
CA VAL B 161 6.87 20.42 2.54
C VAL B 161 6.74 21.93 2.44
N MET B 162 5.94 22.46 3.35
CA MET B 162 5.58 23.85 3.33
C MET B 162 6.30 24.67 4.38
N LEU B 163 6.65 25.90 4.02
CA LEU B 163 7.29 26.81 4.95
C LEU B 163 6.35 28.00 5.14
N GLU B 164 5.87 28.21 6.36
CA GLU B 164 5.08 29.40 6.66
C GLU B 164 6.04 30.56 6.85
N THR B 165 5.90 31.55 5.99
CA THR B 165 6.83 32.67 5.96
C THR B 165 6.19 33.81 5.21
N VAL B 166 6.60 35.04 5.51
CA VAL B 166 6.19 36.21 4.76
C VAL B 166 7.36 36.67 3.89
N PRO B 167 7.32 36.32 2.60
CA PRO B 167 8.44 36.64 1.70
C PRO B 167 8.70 38.13 1.58
N ARG B 168 9.96 38.52 1.69
CA ARG B 168 10.32 39.90 1.50
C ARG B 168 11.12 40.00 0.20
N SER B 169 10.99 41.13 -0.49
CA SER B 169 11.70 41.34 -1.76
C SER B 169 13.20 41.13 -1.57
N GLY B 170 13.81 40.38 -2.46
CA GLY B 170 15.24 40.13 -2.37
C GLY B 170 15.58 38.78 -1.76
N GLU B 171 14.72 38.29 -0.87
CA GLU B 171 14.96 37.01 -0.20
C GLU B 171 15.06 35.88 -1.20
N VAL B 172 15.99 34.97 -0.95
CA VAL B 172 16.06 33.76 -1.76
C VAL B 172 15.83 32.56 -0.85
N TYR B 173 14.81 31.78 -1.17
CA TYR B 173 14.50 30.58 -0.41
C TYR B 173 15.01 29.36 -1.14
N THR B 174 15.44 28.35 -0.40
CA THR B 174 15.94 27.16 -1.05
C THR B 174 15.32 25.93 -0.44
N CYS B 175 14.78 25.08 -1.29
CA CYS B 175 14.33 23.79 -0.84
C CYS B 175 15.42 22.77 -1.17
N GLN B 176 15.83 22.01 -0.17
CA GLN B 176 16.91 21.05 -0.34
C GLN B 176 16.42 19.62 -0.10
N VAL B 177 16.75 18.73 -1.01
CA VAL B 177 16.25 17.38 -0.96
C VAL B 177 17.39 16.37 -0.96
N GLU B 178 17.36 15.46 0.03
CA GLU B 178 18.31 14.36 0.10
C GLU B 178 17.53 13.08 -0.04
N HIS B 179 18.08 12.12 -0.78
CA HIS B 179 17.38 10.90 -1.17
C HIS B 179 18.42 9.89 -1.64
N PRO B 180 18.17 8.59 -1.41
CA PRO B 180 19.15 7.56 -1.80
C PRO B 180 19.53 7.52 -3.28
N SER B 181 18.65 8.04 -4.13
CA SER B 181 18.91 8.01 -5.56
C SER B 181 19.91 9.11 -5.96
N LEU B 182 20.16 10.04 -5.06
CA LEU B 182 21.01 11.19 -5.32
C LEU B 182 22.37 11.01 -4.69
N THR B 183 23.40 11.56 -5.32
CA THR B 183 24.77 11.48 -4.83
C THR B 183 25.14 12.80 -4.14
N SER B 184 24.28 13.81 -4.30
CA SER B 184 24.45 15.09 -3.62
C SER B 184 23.09 15.77 -3.50
N PRO B 185 22.93 16.71 -2.55
CA PRO B 185 21.62 17.34 -2.37
C PRO B 185 21.10 18.04 -3.60
N LEU B 186 19.80 17.90 -3.81
CA LEU B 186 19.10 18.59 -4.89
C LEU B 186 18.53 19.88 -4.29
N THR B 187 18.86 21.03 -4.88
CA THR B 187 18.37 22.31 -4.35
C THR B 187 17.56 23.04 -5.41
N VAL B 188 16.47 23.67 -4.98
CA VAL B 188 15.66 24.51 -5.86
C VAL B 188 15.41 25.86 -5.21
N GLU B 189 15.72 26.94 -5.93
CA GLU B 189 15.53 28.26 -5.38
C GLU B 189 14.21 28.89 -5.79
N TRP B 190 13.73 29.77 -4.91
CA TRP B 190 12.58 30.60 -5.20
C TRP B 190 12.87 32.02 -4.71
N ARG B 191 12.62 33.00 -5.57
CA ARG B 191 12.86 34.40 -5.25
C ARG B 191 11.56 35.17 -5.17
N ALA B 192 11.48 36.06 -4.20
CA ALA B 192 10.40 37.03 -4.12
C ALA B 192 10.67 38.24 -5.00
N SER C 1 13.66 -14.76 -13.13
CA SER C 1 13.24 -16.17 -13.06
C SER C 1 11.95 -16.31 -12.28
N ALA C 2 11.70 -17.49 -11.71
CA ALA C 2 10.40 -17.79 -11.13
C ALA C 2 10.29 -17.43 -9.65
N VAL C 3 9.25 -16.67 -9.33
CA VAL C 3 8.89 -16.36 -7.94
C VAL C 3 8.24 -17.61 -7.35
N ARG C 4 8.67 -18.05 -6.18
CA ARG C 4 8.07 -19.20 -5.52
C ARG C 4 7.04 -18.75 -4.49
N LEU C 5 6.01 -19.56 -4.29
CA LEU C 5 5.03 -19.30 -3.25
C LEU C 5 5.20 -20.27 -2.10
N SER C 7 3.26 -22.34 0.87
CA SER C 7 1.96 -23.02 1.02
C SER C 7 1.17 -22.47 2.20
N SER C 8 -0.14 -22.41 2.03
CA SER C 8 -1.05 -22.20 3.15
C SER C 8 -1.48 -23.56 3.70
N VAL C 9 -1.45 -23.68 5.02
CA VAL C 9 -1.64 -24.97 5.66
C VAL C 9 -3.11 -25.25 6.02
N PRO C 10 -3.66 -26.38 5.52
CA PRO C 10 -5.02 -26.78 5.88
C PRO C 10 -5.19 -26.93 7.38
N GLY C 11 -6.27 -26.37 7.89
CA GLY C 11 -6.50 -26.35 9.32
C GLY C 11 -7.06 -27.67 9.81
N VAL C 12 -7.12 -27.82 11.13
CA VAL C 12 -7.60 -29.03 11.75
C VAL C 12 -9.14 -29.08 11.74
N ARG C 13 -9.67 -30.30 11.79
CA ARG C 13 -11.11 -30.57 11.64
C ARG C 13 -11.67 -30.01 10.34
#